data_1ZL3
#
_entry.id   1ZL3
#
_cell.length_a   145.433
_cell.length_b   40.753
_cell.length_c   78.803
_cell.angle_alpha   90.00
_cell.angle_beta   110.61
_cell.angle_gamma   90.00
#
_symmetry.space_group_name_H-M   'C 1 2 1'
#
loop_
_entity.id
_entity.type
_entity.pdbx_description
1 polymer "5'-R(*GP*GP*CP*AP*AP*CP*GP*GP*UP*(FLO) UP*CP*GP*AP*UP*CP*CP*CP*GP*UP*UP*GP*C)-3'"
2 polymer 'tRNA pseudouridine synthase B'
3 non-polymer 'SULFATE ION'
4 water water
#
loop_
_entity_poly.entity_id
_entity_poly.type
_entity_poly.pdbx_seq_one_letter_code
_entity_poly.pdbx_strand_id
1 'polyribonucleotide' GGCAACGGU(UD5)CGAUCCCGUUGC B
2 'polypeptide(L)'
;MGHHHHHHHHHHSSGHIEGRHMDINGVLLLDKPQGMSSNDALQKVKRIYNANRAGHTGALNPLATGMLPICLGEATKFSQ
YLLDSDKRYRVIARLGQRTDTSDADGQIVEERPVTFSAEQLAAALDTFRGDIEQIPSMYSALKYQGKKLYEYARQGIEVP
REARPITVYELLFIRHEGNELELEIHCSKGTYIRTIIDDLGEKLGCGAHVIYLRRLAVSKYPVERMVTLEHLRELVEQAE
QQDIPAAELLDPLLMPMDSPASDYPVVNLPLTSSVYFKNGNPVRTSGAPLEGLVRVTEGENGKFIGMGEIDDEGRVAPRR
LVVEYPA
;
A
#
loop_
_chem_comp.id
_chem_comp.type
_chem_comp.name
_chem_comp.formula
A RNA linking ADENOSINE-5'-MONOPHOSPHATE 'C10 H14 N5 O7 P'
C RNA linking CYTIDINE-5'-MONOPHOSPHATE 'C9 H14 N3 O8 P'
G RNA linking GUANOSINE-5'-MONOPHOSPHATE 'C10 H14 N5 O8 P'
SO4 non-polymer 'SULFATE ION' 'O4 S -2'
U RNA linking URIDINE-5'-MONOPHOSPHATE 'C9 H13 N2 O9 P'
UD5 RNA linking 5-FLUOROURIDINE 'C9 H12 F N2 O8 P'
#
# COMPACT_ATOMS: atom_id res chain seq x y z
P UD5 A 10 3.50 1.01 2.29
OP1 UD5 A 10 2.05 0.71 2.15
OP2 UD5 A 10 4.06 2.22 1.62
O5' UD5 A 10 3.87 1.00 3.85
C5' UD5 A 10 3.54 -0.09 4.71
C4' UD5 A 10 4.48 -0.11 5.90
O4' UD5 A 10 4.05 0.86 6.90
C3' UD5 A 10 4.42 -1.47 6.62
O3' UD5 A 10 5.73 -1.84 7.04
C2' UD5 A 10 3.46 -1.28 7.80
O2' UD5 A 10 3.80 -1.94 8.99
C1' UD5 A 10 3.69 0.18 8.07
N1 UD5 A 10 2.81 0.95 8.93
C2 UD5 A 10 2.89 0.68 10.28
O2 UD5 A 10 3.62 -0.18 10.74
N3 UD5 A 10 2.08 1.44 11.08
C4 UD5 A 10 1.22 2.43 10.66
O4 UD5 A 10 0.58 3.05 11.50
C5 UD5 A 10 1.19 2.63 9.24
C6 UD5 A 10 1.96 1.90 8.45
F UD5 A 10 0.35 3.56 8.71
N MET B 22 -6.53 -20.05 -18.67
CA MET B 22 -6.94 -18.62 -18.66
C MET B 22 -6.66 -17.97 -17.30
N ASP B 23 -5.38 -17.82 -16.95
CA ASP B 23 -4.99 -17.21 -15.69
C ASP B 23 -5.66 -15.85 -15.51
N ILE B 24 -6.13 -15.57 -14.30
CA ILE B 24 -6.80 -14.31 -14.03
C ILE B 24 -5.80 -13.18 -13.75
N ASN B 25 -6.01 -12.03 -14.39
CA ASN B 25 -5.12 -10.88 -14.21
C ASN B 25 -5.93 -9.66 -13.78
N GLY B 26 -5.45 -8.94 -12.76
CA GLY B 26 -6.16 -7.76 -12.31
C GLY B 26 -5.79 -7.35 -10.90
N VAL B 27 -6.47 -6.33 -10.38
CA VAL B 27 -6.20 -5.86 -9.02
C VAL B 27 -7.45 -5.91 -8.15
N LEU B 28 -7.33 -6.53 -6.98
CA LEU B 28 -8.44 -6.66 -6.05
C LEU B 28 -8.20 -5.74 -4.86
N LEU B 29 -9.13 -4.84 -4.59
CA LEU B 29 -8.99 -3.92 -3.47
C LEU B 29 -9.66 -4.45 -2.21
N LEU B 30 -9.03 -5.44 -1.59
CA LEU B 30 -9.56 -6.05 -0.38
C LEU B 30 -9.54 -5.12 0.83
N ASP B 31 -10.38 -5.41 1.80
CA ASP B 31 -10.46 -4.66 3.06
C ASP B 31 -9.96 -5.66 4.11
N LYS B 32 -8.69 -5.54 4.46
CA LYS B 32 -8.10 -6.48 5.40
C LYS B 32 -8.76 -6.62 6.75
N PRO B 33 -9.05 -7.86 7.15
CA PRO B 33 -9.68 -8.15 8.44
C PRO B 33 -8.68 -7.88 9.56
N GLN B 34 -9.17 -7.52 10.73
CA GLN B 34 -8.31 -7.23 11.86
C GLN B 34 -7.66 -8.48 12.45
N GLY B 35 -6.48 -8.30 13.02
CA GLY B 35 -5.77 -9.40 13.64
C GLY B 35 -5.25 -10.43 12.66
N MET B 36 -5.21 -10.08 11.38
CA MET B 36 -4.72 -10.98 10.35
C MET B 36 -3.47 -10.38 9.70
N SER B 37 -2.46 -11.22 9.45
CA SER B 37 -1.24 -10.73 8.82
C SER B 37 -1.59 -10.44 7.37
N SER B 38 -0.90 -9.48 6.77
CA SER B 38 -1.18 -9.13 5.38
C SER B 38 -0.94 -10.28 4.42
N ASN B 39 0.05 -11.13 4.70
CA ASN B 39 0.33 -12.28 3.84
C ASN B 39 -0.82 -13.29 3.90
N ASP B 40 -1.39 -13.46 5.10
CA ASP B 40 -2.49 -14.39 5.28
C ASP B 40 -3.68 -13.94 4.44
N ALA B 41 -3.99 -12.65 4.49
CA ALA B 41 -5.12 -12.14 3.72
C ALA B 41 -4.86 -12.43 2.24
N LEU B 42 -3.62 -12.15 1.80
CA LEU B 42 -3.22 -12.38 0.42
C LEU B 42 -3.44 -13.83 -0.02
N GLN B 43 -2.93 -14.78 0.77
CA GLN B 43 -3.08 -16.18 0.45
C GLN B 43 -4.55 -16.60 0.31
N LYS B 44 -5.38 -16.18 1.25
CA LYS B 44 -6.81 -16.51 1.20
C LYS B 44 -7.44 -15.95 -0.07
N VAL B 45 -7.02 -14.76 -0.46
CA VAL B 45 -7.56 -14.17 -1.68
C VAL B 45 -6.99 -14.94 -2.88
N LYS B 46 -5.70 -15.26 -2.82
CA LYS B 46 -5.08 -16.00 -3.91
C LYS B 46 -5.79 -17.32 -4.14
N ARG B 47 -6.11 -18.02 -3.05
CA ARG B 47 -6.81 -19.29 -3.15
C ARG B 47 -8.23 -19.09 -3.66
N ILE B 48 -8.92 -18.10 -3.12
CA ILE B 48 -10.28 -17.83 -3.55
C ILE B 48 -10.41 -17.60 -5.04
N TYR B 49 -9.48 -16.85 -5.63
CA TYR B 49 -9.55 -16.59 -7.08
C TYR B 49 -8.85 -17.65 -7.90
N ASN B 50 -8.25 -18.62 -7.22
CA ASN B 50 -7.53 -19.69 -7.91
C ASN B 50 -6.53 -19.06 -8.90
N ALA B 51 -5.79 -18.06 -8.44
CA ALA B 51 -4.82 -17.38 -9.29
C ALA B 51 -3.47 -18.05 -9.14
N ASN B 52 -2.76 -18.25 -10.25
CA ASN B 52 -1.46 -18.89 -10.19
C ASN B 52 -0.45 -18.04 -9.42
N ARG B 53 -0.51 -16.72 -9.61
CA ARG B 53 0.42 -15.81 -8.94
C ARG B 53 -0.29 -14.63 -8.26
N ALA B 54 0.20 -14.20 -7.11
CA ALA B 54 -0.43 -13.10 -6.39
C ALA B 54 0.47 -12.40 -5.37
N GLY B 55 0.41 -11.07 -5.38
CA GLY B 55 1.21 -10.28 -4.45
C GLY B 55 0.46 -9.05 -3.97
N HIS B 56 0.85 -8.51 -2.83
CA HIS B 56 0.18 -7.31 -2.35
C HIS B 56 1.11 -6.13 -2.51
N THR B 57 0.54 -4.92 -2.63
CA THR B 57 1.33 -3.71 -2.86
C THR B 57 1.63 -2.83 -1.64
N GLY B 58 1.88 -3.45 -0.49
CA GLY B 58 2.15 -2.69 0.71
C GLY B 58 1.38 -3.29 1.88
N ALA B 59 2.10 -3.58 2.97
CA ALA B 59 1.49 -4.22 4.13
C ALA B 59 0.66 -3.35 5.06
N LEU B 60 -0.12 -4.05 5.89
CA LEU B 60 -0.97 -3.48 6.93
C LEU B 60 -0.72 -4.42 8.10
N ASN B 61 -0.48 -3.88 9.29
CA ASN B 61 -0.24 -4.69 10.48
C ASN B 61 -1.51 -5.45 10.86
N PRO B 62 -1.37 -6.60 11.55
CA PRO B 62 -2.52 -7.41 11.97
C PRO B 62 -3.59 -6.57 12.68
N LEU B 63 -3.17 -5.70 13.59
CA LEU B 63 -4.09 -4.84 14.32
C LEU B 63 -4.89 -3.94 13.37
N ALA B 64 -4.24 -3.44 12.34
CA ALA B 64 -4.89 -2.54 11.39
C ALA B 64 -5.84 -3.23 10.44
N THR B 65 -6.57 -2.42 9.70
CA THR B 65 -7.54 -2.88 8.71
C THR B 65 -7.52 -1.81 7.62
N GLY B 66 -8.18 -2.08 6.50
CA GLY B 66 -8.22 -1.09 5.44
C GLY B 66 -7.90 -1.64 4.06
N MET B 67 -7.61 -0.74 3.13
CA MET B 67 -7.30 -1.08 1.74
C MET B 67 -5.94 -1.74 1.55
N LEU B 68 -5.96 -2.97 1.03
CA LEU B 68 -4.74 -3.73 0.78
C LEU B 68 -4.83 -4.27 -0.64
N PRO B 69 -4.31 -3.52 -1.64
CA PRO B 69 -4.36 -3.97 -3.03
C PRO B 69 -3.67 -5.32 -3.23
N ILE B 70 -4.35 -6.21 -3.95
CA ILE B 70 -3.82 -7.53 -4.24
C ILE B 70 -3.66 -7.59 -5.74
N CYS B 71 -2.43 -7.76 -6.22
CA CYS B 71 -2.22 -7.88 -7.66
C CYS B 71 -2.29 -9.37 -8.01
N LEU B 72 -3.05 -9.69 -9.05
CA LEU B 72 -3.19 -11.09 -9.45
C LEU B 72 -2.67 -11.35 -10.85
N GLY B 73 -2.03 -12.50 -11.02
CA GLY B 73 -1.50 -12.88 -12.32
C GLY B 73 -0.58 -11.81 -12.88
N GLU B 74 -0.79 -11.47 -14.15
CA GLU B 74 0.02 -10.48 -14.84
C GLU B 74 0.23 -9.19 -14.06
N ALA B 75 -0.77 -8.79 -13.27
CA ALA B 75 -0.68 -7.54 -12.52
C ALA B 75 0.49 -7.43 -11.56
N THR B 76 0.92 -8.55 -10.97
CA THR B 76 2.05 -8.48 -10.02
C THR B 76 3.27 -7.80 -10.63
N LYS B 77 3.37 -7.86 -11.95
CA LYS B 77 4.49 -7.26 -12.66
C LYS B 77 4.65 -5.76 -12.40
N PHE B 78 3.53 -5.04 -12.39
CA PHE B 78 3.62 -3.60 -12.16
C PHE B 78 3.24 -3.17 -10.74
N SER B 79 3.51 -4.03 -9.76
CA SER B 79 3.16 -3.71 -8.39
C SER B 79 4.06 -2.67 -7.74
N GLN B 80 5.22 -2.41 -8.33
CA GLN B 80 6.12 -1.45 -7.74
C GLN B 80 5.54 -0.04 -7.70
N TYR B 81 4.71 0.29 -8.68
CA TYR B 81 4.10 1.62 -8.76
C TYR B 81 3.19 1.96 -7.58
N LEU B 82 2.46 0.95 -7.08
CA LEU B 82 1.57 1.16 -5.94
C LEU B 82 2.46 1.15 -4.73
N LEU B 83 3.35 0.18 -4.68
CA LEU B 83 4.28 0.06 -3.57
C LEU B 83 4.88 1.41 -3.25
N ASP B 84 5.02 2.24 -4.29
CA ASP B 84 5.61 3.56 -4.11
C ASP B 84 4.65 4.72 -4.05
N SER B 85 3.35 4.46 -4.09
CA SER B 85 2.40 5.56 -4.04
C SER B 85 2.01 5.96 -2.62
N ASP B 86 1.20 7.00 -2.52
CA ASP B 86 0.73 7.54 -1.25
C ASP B 86 -0.40 6.72 -0.62
N LYS B 87 -0.54 6.86 0.70
CA LYS B 87 -1.58 6.17 1.45
C LYS B 87 -2.14 7.12 2.50
N ARG B 88 -3.45 7.04 2.70
CA ARG B 88 -4.15 7.86 3.67
C ARG B 88 -4.63 6.94 4.80
N TYR B 89 -4.38 7.34 6.04
CA TYR B 89 -4.79 6.51 7.18
C TYR B 89 -5.65 7.22 8.23
N ARG B 90 -6.32 6.40 9.02
CA ARG B 90 -7.15 6.88 10.12
C ARG B 90 -6.54 6.18 11.30
N VAL B 91 -6.11 6.94 12.30
CA VAL B 91 -5.48 6.34 13.48
C VAL B 91 -5.88 6.97 14.81
N ILE B 92 -6.04 6.12 15.83
CA ILE B 92 -6.35 6.58 17.17
C ILE B 92 -5.19 6.10 18.02
N ALA B 93 -4.67 6.97 18.86
CA ALA B 93 -3.57 6.59 19.72
C ALA B 93 -3.96 6.71 21.17
N ARG B 94 -3.35 5.87 22.01
CA ARG B 94 -3.62 5.88 23.44
C ARG B 94 -2.50 6.66 24.11
N LEU B 95 -2.81 7.86 24.57
CA LEU B 95 -1.84 8.72 25.23
C LEU B 95 -1.54 8.25 26.65
N GLY B 96 -0.31 8.45 27.10
CA GLY B 96 0.08 8.06 28.44
C GLY B 96 0.79 6.73 28.55
N GLN B 97 0.70 5.91 27.51
CA GLN B 97 1.37 4.61 27.51
C GLN B 97 2.22 4.39 26.28
N ARG B 98 3.36 3.77 26.49
CA ARG B 98 4.29 3.46 25.41
C ARG B 98 4.52 1.96 25.33
N THR B 99 4.39 1.40 24.14
CA THR B 99 4.64 -0.02 23.98
C THR B 99 5.94 -0.25 23.23
N ASP B 100 6.44 -1.48 23.31
CA ASP B 100 7.69 -1.83 22.66
C ASP B 100 7.55 -1.98 21.15
N THR B 101 6.30 -2.04 20.67
CA THR B 101 6.07 -2.17 19.24
C THR B 101 5.33 -0.95 18.70
N SER B 102 5.17 0.05 19.56
CA SER B 102 4.48 1.29 19.20
C SER B 102 2.99 1.12 18.93
N ASP B 103 2.47 -0.10 19.06
CA ASP B 103 1.04 -0.32 18.87
C ASP B 103 0.44 -1.20 19.97
N ALA B 104 -0.89 -1.30 19.97
CA ALA B 104 -1.62 -2.07 20.97
C ALA B 104 -1.16 -3.52 21.06
N ASP B 105 -0.61 -4.04 19.97
CA ASP B 105 -0.16 -5.43 19.93
C ASP B 105 1.16 -5.68 20.63
N GLY B 106 1.47 -4.92 21.68
CA GLY B 106 2.74 -5.14 22.36
C GLY B 106 2.71 -4.87 23.86
N GLN B 107 3.84 -5.14 24.50
CA GLN B 107 3.94 -4.93 25.94
C GLN B 107 4.20 -3.46 26.26
N ILE B 108 3.60 -2.99 27.35
CA ILE B 108 3.78 -1.61 27.79
C ILE B 108 5.11 -1.47 28.51
N VAL B 109 5.90 -0.48 28.11
CA VAL B 109 7.22 -0.25 28.71
C VAL B 109 7.31 1.06 29.50
N GLU B 110 6.33 1.95 29.29
CA GLU B 110 6.29 3.23 29.99
C GLU B 110 4.86 3.71 30.17
N GLU B 111 4.58 4.26 31.35
CA GLU B 111 3.26 4.79 31.63
C GLU B 111 3.43 6.06 32.44
N ARG B 112 3.04 7.19 31.85
CA ARG B 112 3.17 8.48 32.50
C ARG B 112 1.92 9.32 32.27
N PRO B 113 1.68 10.29 33.17
CA PRO B 113 0.52 11.19 33.10
C PRO B 113 0.45 12.11 31.89
N VAL B 114 -0.74 12.18 31.30
CA VAL B 114 -1.00 13.05 30.15
C VAL B 114 -1.23 14.42 30.75
N THR B 115 -0.33 15.37 30.49
CA THR B 115 -0.49 16.69 31.07
C THR B 115 -0.12 17.81 30.12
N PHE B 116 -0.20 17.57 28.82
CA PHE B 116 0.15 18.60 27.86
C PHE B 116 -1.01 19.58 27.60
N SER B 117 -0.65 20.84 27.36
CA SER B 117 -1.65 21.87 27.09
C SER B 117 -2.10 21.78 25.63
N ALA B 118 -3.31 22.24 25.36
CA ALA B 118 -3.87 22.21 24.01
C ALA B 118 -2.93 22.86 22.99
N GLU B 119 -2.20 23.89 23.41
CA GLU B 119 -1.29 24.55 22.48
C GLU B 119 -0.02 23.79 22.27
N GLN B 120 0.31 22.91 23.21
CA GLN B 120 1.51 22.09 23.10
C GLN B 120 1.19 20.97 22.13
N LEU B 121 -0.09 20.64 21.99
CA LEU B 121 -0.51 19.57 21.09
C LEU B 121 -0.55 20.06 19.64
N ALA B 122 -0.83 21.35 19.44
CA ALA B 122 -0.88 21.88 18.09
C ALA B 122 0.54 22.00 17.52
N ALA B 123 1.45 22.54 18.33
CA ALA B 123 2.84 22.72 17.90
C ALA B 123 3.42 21.39 17.42
N ALA B 124 3.22 20.35 18.23
CA ALA B 124 3.72 19.03 17.91
C ALA B 124 3.12 18.48 16.63
N LEU B 125 1.79 18.35 16.59
CA LEU B 125 1.15 17.83 15.41
C LEU B 125 1.68 18.53 14.16
N ASP B 126 2.16 19.76 14.33
CA ASP B 126 2.68 20.49 13.19
C ASP B 126 4.10 20.10 12.80
N THR B 127 4.90 19.65 13.76
CA THR B 127 6.29 19.26 13.48
C THR B 127 6.37 18.06 12.53
N PHE B 128 5.27 17.34 12.38
CA PHE B 128 5.25 16.18 11.50
C PHE B 128 4.60 16.49 10.16
N ARG B 129 4.55 17.76 9.79
CA ARG B 129 3.96 18.14 8.52
C ARG B 129 5.02 18.49 7.49
N GLY B 130 4.76 18.11 6.23
CA GLY B 130 5.70 18.39 5.16
C GLY B 130 6.71 17.29 4.88
N ASP B 131 7.98 17.66 4.79
CA ASP B 131 9.04 16.70 4.54
C ASP B 131 9.77 16.42 5.84
N ILE B 132 9.83 15.17 6.23
CA ILE B 132 10.48 14.81 7.49
C ILE B 132 11.27 13.52 7.43
N GLU B 133 12.16 13.35 8.41
CA GLU B 133 12.99 12.16 8.53
C GLU B 133 12.40 11.24 9.61
N GLN B 134 12.36 9.94 9.34
CA GLN B 134 11.80 9.01 10.30
C GLN B 134 12.62 7.75 10.54
N ILE B 135 12.78 7.41 11.80
CA ILE B 135 13.49 6.19 12.18
C ILE B 135 12.42 5.15 12.52
N PRO B 136 12.16 4.21 11.60
CA PRO B 136 11.14 3.17 11.81
C PRO B 136 11.31 2.32 13.06
N SER B 137 10.24 1.65 13.45
CA SER B 137 10.24 0.79 14.63
C SER B 137 11.12 -0.45 14.38
N MET B 138 11.73 -0.96 15.44
CA MET B 138 12.52 -2.17 15.29
C MET B 138 11.57 -3.30 14.91
N TYR B 139 10.28 -3.11 15.16
CA TYR B 139 9.29 -4.10 14.80
C TYR B 139 8.71 -3.77 13.44
N SER B 140 9.51 -4.01 12.41
CA SER B 140 9.12 -3.76 11.02
C SER B 140 9.80 -4.78 10.10
N ALA B 141 9.40 -4.78 8.84
CA ALA B 141 9.92 -5.72 7.84
C ALA B 141 11.11 -5.16 7.08
N LEU B 142 11.59 -3.99 7.50
CA LEU B 142 12.76 -3.40 6.86
C LEU B 142 13.87 -4.43 7.02
N LYS B 143 14.68 -4.63 5.98
CA LYS B 143 15.76 -5.61 6.06
C LYS B 143 17.12 -5.11 6.51
N TYR B 144 17.76 -5.87 7.38
CA TYR B 144 19.09 -5.54 7.88
C TYR B 144 19.99 -6.77 7.85
N GLN B 145 21.01 -6.73 7.00
CA GLN B 145 21.97 -7.81 6.85
C GLN B 145 21.29 -9.15 6.54
N GLY B 146 20.27 -9.11 5.70
CA GLY B 146 19.58 -10.32 5.31
C GLY B 146 18.34 -10.69 6.08
N LYS B 147 18.17 -10.14 7.28
CA LYS B 147 17.01 -10.46 8.10
C LYS B 147 16.04 -9.30 8.32
N LYS B 148 14.81 -9.62 8.70
CA LYS B 148 13.79 -8.61 8.99
C LYS B 148 14.13 -8.00 10.35
N LEU B 149 13.91 -6.69 10.50
CA LEU B 149 14.19 -6.04 11.77
C LEU B 149 13.51 -6.72 12.94
N TYR B 150 12.22 -7.03 12.79
CA TYR B 150 11.51 -7.67 13.89
C TYR B 150 12.20 -8.94 14.36
N GLU B 151 12.83 -9.68 13.46
CA GLU B 151 13.54 -10.90 13.83
C GLU B 151 14.57 -10.56 14.90
N TYR B 152 15.25 -9.44 14.74
CA TYR B 152 16.23 -9.05 15.73
C TYR B 152 15.47 -8.65 16.99
N ALA B 153 14.36 -7.94 16.80
CA ALA B 153 13.55 -7.49 17.93
C ALA B 153 13.15 -8.66 18.82
N ARG B 154 12.38 -9.59 18.25
CA ARG B 154 11.91 -10.75 18.98
C ARG B 154 13.02 -11.50 19.72
N GLN B 155 14.26 -11.35 19.27
CA GLN B 155 15.42 -12.01 19.89
C GLN B 155 16.06 -11.11 20.93
N GLY B 156 15.52 -9.91 21.09
CA GLY B 156 16.07 -8.99 22.06
C GLY B 156 17.38 -8.40 21.60
N ILE B 157 17.41 -7.93 20.36
CA ILE B 157 18.62 -7.34 19.79
C ILE B 157 18.29 -6.07 19.04
N GLU B 158 19.13 -5.06 19.19
CA GLU B 158 18.90 -3.83 18.44
C GLU B 158 19.98 -3.68 17.37
N VAL B 159 19.62 -3.00 16.29
CA VAL B 159 20.55 -2.75 15.19
C VAL B 159 20.48 -1.28 14.86
N PRO B 160 21.56 -0.71 14.33
CA PRO B 160 21.55 0.72 13.99
C PRO B 160 20.60 0.97 12.83
N ARG B 161 19.82 2.03 12.91
CA ARG B 161 18.88 2.36 11.84
C ARG B 161 19.20 3.73 11.26
N GLU B 162 18.86 3.92 9.99
CA GLU B 162 19.13 5.20 9.34
C GLU B 162 17.81 5.90 9.09
N ALA B 163 17.73 7.16 9.49
CA ALA B 163 16.51 7.94 9.30
C ALA B 163 16.10 7.92 7.83
N ARG B 164 14.82 7.66 7.56
CA ARG B 164 14.33 7.64 6.18
C ARG B 164 13.52 8.90 5.95
N PRO B 165 13.54 9.41 4.73
CA PRO B 165 12.79 10.62 4.37
C PRO B 165 11.35 10.37 3.89
N ILE B 166 10.37 10.72 4.70
CA ILE B 166 8.98 10.54 4.27
C ILE B 166 8.33 11.92 4.10
N THR B 167 7.13 11.93 3.54
CA THR B 167 6.41 13.19 3.33
C THR B 167 4.98 13.12 3.84
N VAL B 168 4.65 13.99 4.79
CA VAL B 168 3.31 14.05 5.33
C VAL B 168 2.57 15.14 4.54
N TYR B 169 1.66 14.73 3.67
CA TYR B 169 0.91 15.67 2.83
C TYR B 169 -0.21 16.42 3.56
N GLU B 170 -0.79 15.77 4.58
CA GLU B 170 -1.87 16.39 5.34
C GLU B 170 -2.09 15.67 6.66
N LEU B 171 -2.19 16.44 7.74
CA LEU B 171 -2.44 15.86 9.06
C LEU B 171 -3.73 16.46 9.59
N LEU B 172 -4.68 15.60 9.98
CA LEU B 172 -5.97 16.06 10.48
C LEU B 172 -6.25 15.76 11.93
N PHE B 173 -6.48 16.80 12.71
CA PHE B 173 -6.80 16.64 14.12
C PHE B 173 -8.29 16.35 14.24
N ILE B 174 -8.64 15.07 14.25
CA ILE B 174 -10.03 14.68 14.36
C ILE B 174 -10.62 15.01 15.73
N ARG B 175 -9.87 14.70 16.80
CA ARG B 175 -10.34 14.97 18.15
C ARG B 175 -9.30 14.66 19.22
N HIS B 176 -9.71 14.85 20.47
CA HIS B 176 -8.87 14.58 21.63
C HIS B 176 -9.81 14.45 22.82
N GLU B 177 -10.15 13.21 23.17
CA GLU B 177 -11.05 12.97 24.28
C GLU B 177 -10.44 12.01 25.30
N GLY B 178 -10.18 12.52 26.49
CA GLY B 178 -9.60 11.67 27.52
C GLY B 178 -8.18 11.29 27.17
N ASN B 179 -7.92 9.98 27.14
CA ASN B 179 -6.57 9.51 26.82
C ASN B 179 -6.44 9.17 25.34
N GLU B 180 -7.43 9.58 24.56
CA GLU B 180 -7.44 9.32 23.13
C GLU B 180 -7.22 10.54 22.24
N LEU B 181 -6.46 10.31 21.17
CA LEU B 181 -6.17 11.34 20.18
C LEU B 181 -6.31 10.66 18.83
N GLU B 182 -7.23 11.14 18.01
CA GLU B 182 -7.47 10.56 16.70
C GLU B 182 -7.07 11.49 15.57
N LEU B 183 -6.42 10.92 14.56
CA LEU B 183 -5.96 11.69 13.41
C LEU B 183 -6.14 10.94 12.13
N GLU B 184 -6.09 11.68 11.03
CA GLU B 184 -6.21 11.14 9.69
C GLU B 184 -5.04 11.79 8.95
N ILE B 185 -4.16 10.96 8.39
CA ILE B 185 -2.98 11.47 7.70
C ILE B 185 -2.80 10.93 6.28
N HIS B 186 -2.26 11.80 5.41
CA HIS B 186 -1.97 11.44 4.02
C HIS B 186 -0.44 11.49 3.97
N CYS B 187 0.19 10.41 3.52
CA CYS B 187 1.66 10.35 3.49
C CYS B 187 2.23 9.54 2.35
N SER B 188 3.55 9.69 2.13
CA SER B 188 4.26 8.98 1.06
C SER B 188 4.56 7.54 1.46
N LYS B 189 4.94 6.73 0.49
CA LYS B 189 5.22 5.32 0.73
C LYS B 189 6.29 5.11 1.77
N GLY B 190 6.12 4.04 2.56
CA GLY B 190 7.08 3.70 3.58
C GLY B 190 6.93 4.46 4.89
N THR B 191 5.77 5.07 5.09
CA THR B 191 5.54 5.83 6.31
C THR B 191 4.95 4.98 7.43
N TYR B 192 5.60 4.99 8.58
CA TYR B 192 5.12 4.26 9.73
C TYR B 192 4.39 5.20 10.68
N ILE B 193 3.09 5.43 10.42
CA ILE B 193 2.29 6.31 11.27
C ILE B 193 2.61 5.89 12.70
N ARG B 194 2.68 4.58 12.90
CA ARG B 194 3.00 3.97 14.17
C ARG B 194 4.10 4.80 14.86
N THR B 195 5.20 5.01 14.14
CA THR B 195 6.33 5.76 14.68
C THR B 195 6.03 7.23 14.93
N ILE B 196 5.18 7.84 14.12
CA ILE B 196 4.84 9.24 14.37
C ILE B 196 4.19 9.33 15.76
N ILE B 197 3.26 8.42 16.02
CA ILE B 197 2.57 8.41 17.30
C ILE B 197 3.55 8.20 18.45
N ASP B 198 4.46 7.23 18.31
CA ASP B 198 5.42 6.97 19.36
C ASP B 198 6.33 8.19 19.51
N ASP B 199 6.64 8.82 18.39
CA ASP B 199 7.49 10.01 18.40
C ASP B 199 6.73 11.13 19.08
N LEU B 200 5.56 11.44 18.54
CA LEU B 200 4.72 12.48 19.11
C LEU B 200 4.51 12.26 20.61
N GLY B 201 4.32 11.00 21.00
CA GLY B 201 4.11 10.66 22.39
C GLY B 201 5.24 11.16 23.28
N GLU B 202 6.43 11.27 22.70
CA GLU B 202 7.58 11.74 23.45
C GLU B 202 7.63 13.26 23.46
N LYS B 203 7.29 13.87 22.33
CA LYS B 203 7.29 15.32 22.26
C LYS B 203 6.36 15.86 23.35
N LEU B 204 5.18 15.25 23.46
CA LEU B 204 4.20 15.68 24.44
C LEU B 204 4.62 15.46 25.89
N GLY B 205 5.34 14.38 26.16
CA GLY B 205 5.79 14.13 27.53
C GLY B 205 5.08 13.00 28.26
N CYS B 206 4.23 12.25 27.55
CA CYS B 206 3.49 11.16 28.18
C CYS B 206 3.71 9.77 27.59
N GLY B 207 4.04 9.73 26.29
CA GLY B 207 4.23 8.46 25.63
C GLY B 207 2.96 8.16 24.87
N ALA B 208 2.99 7.21 23.94
CA ALA B 208 1.78 6.90 23.17
C ALA B 208 1.96 5.76 22.18
N HIS B 209 0.99 4.84 22.16
CA HIS B 209 1.02 3.72 21.24
C HIS B 209 -0.28 3.72 20.44
N VAL B 210 -0.28 3.06 19.30
CA VAL B 210 -1.46 3.01 18.44
C VAL B 210 -2.47 1.93 18.84
N ILE B 211 -3.74 2.30 18.94
CA ILE B 211 -4.78 1.33 19.29
C ILE B 211 -5.79 1.08 18.17
N TYR B 212 -5.87 2.01 17.20
CA TYR B 212 -6.77 1.87 16.05
C TYR B 212 -6.09 2.32 14.77
N LEU B 213 -6.14 1.48 13.73
CA LEU B 213 -5.50 1.85 12.48
C LEU B 213 -6.22 1.34 11.24
N ARG B 214 -6.57 2.26 10.35
CA ARG B 214 -7.27 1.90 9.12
C ARG B 214 -6.75 2.69 7.93
N ARG B 215 -6.34 1.97 6.90
CA ARG B 215 -5.87 2.60 5.68
C ARG B 215 -7.10 2.90 4.85
N LEU B 216 -7.36 4.16 4.60
CA LEU B 216 -8.54 4.52 3.84
C LEU B 216 -8.31 4.29 2.36
N ALA B 217 -7.22 4.82 1.83
CA ALA B 217 -6.94 4.65 0.41
C ALA B 217 -5.47 4.43 0.10
N VAL B 218 -5.21 3.97 -1.12
CA VAL B 218 -3.86 3.75 -1.63
C VAL B 218 -3.89 4.39 -3.01
N SER B 219 -3.08 5.43 -3.20
CA SER B 219 -3.04 6.15 -4.47
C SER B 219 -4.43 6.77 -4.71
N LYS B 220 -4.83 6.91 -5.97
CA LYS B 220 -6.14 7.48 -6.30
C LYS B 220 -7.20 6.40 -6.47
N TYR B 221 -7.16 5.38 -5.61
CA TYR B 221 -8.10 4.27 -5.68
C TYR B 221 -9.41 4.53 -4.92
N PRO B 222 -10.55 4.28 -5.59
CA PRO B 222 -11.92 4.43 -5.07
C PRO B 222 -12.24 3.45 -3.95
N VAL B 223 -12.38 3.97 -2.72
CA VAL B 223 -12.69 3.14 -1.57
C VAL B 223 -13.99 2.38 -1.82
N GLU B 224 -14.78 2.89 -2.77
CA GLU B 224 -16.07 2.31 -3.14
C GLU B 224 -15.92 0.92 -3.77
N ARG B 225 -14.71 0.60 -4.22
CA ARG B 225 -14.46 -0.68 -4.86
C ARG B 225 -13.92 -1.73 -3.90
N MET B 226 -13.65 -1.30 -2.67
CA MET B 226 -13.13 -2.22 -1.67
C MET B 226 -14.16 -3.29 -1.34
N VAL B 227 -13.70 -4.48 -0.94
CA VAL B 227 -14.60 -5.57 -0.59
C VAL B 227 -13.96 -6.28 0.58
N THR B 228 -14.79 -6.82 1.47
CA THR B 228 -14.27 -7.52 2.63
C THR B 228 -14.08 -8.99 2.33
N LEU B 229 -13.23 -9.63 3.11
CA LEU B 229 -12.95 -11.04 2.93
C LEU B 229 -14.23 -11.85 3.03
N GLU B 230 -15.08 -11.50 4.00
CA GLU B 230 -16.33 -12.25 4.17
C GLU B 230 -17.23 -12.05 2.94
N HIS B 231 -17.24 -10.84 2.39
CA HIS B 231 -18.05 -10.55 1.22
C HIS B 231 -17.65 -11.45 0.04
N LEU B 232 -16.35 -11.68 -0.09
CA LEU B 232 -15.86 -12.54 -1.18
C LEU B 232 -16.39 -13.93 -0.91
N ARG B 233 -16.28 -14.37 0.33
CA ARG B 233 -16.73 -15.69 0.72
C ARG B 233 -18.23 -15.85 0.55
N GLU B 234 -18.96 -14.74 0.54
CA GLU B 234 -20.39 -14.81 0.36
C GLU B 234 -20.69 -15.03 -1.12
N LEU B 235 -19.96 -14.34 -1.99
CA LEU B 235 -20.15 -14.48 -3.42
C LEU B 235 -19.81 -15.89 -3.87
N VAL B 236 -18.76 -16.46 -3.29
CA VAL B 236 -18.36 -17.82 -3.62
C VAL B 236 -19.53 -18.73 -3.26
N GLU B 237 -20.06 -18.54 -2.06
CA GLU B 237 -21.18 -19.31 -1.56
C GLU B 237 -22.36 -19.13 -2.53
N GLN B 238 -22.72 -17.89 -2.80
CA GLN B 238 -23.83 -17.58 -3.70
C GLN B 238 -23.64 -18.23 -5.08
N ALA B 239 -22.40 -18.56 -5.41
CA ALA B 239 -22.10 -19.16 -6.72
C ALA B 239 -22.48 -20.63 -6.80
N GLU B 240 -22.03 -21.42 -5.84
CA GLU B 240 -22.36 -22.85 -5.85
C GLU B 240 -23.88 -22.96 -5.80
N GLN B 241 -24.47 -22.12 -4.95
CA GLN B 241 -25.90 -22.07 -4.75
C GLN B 241 -26.68 -21.89 -6.04
N GLN B 242 -26.29 -20.88 -6.82
CA GLN B 242 -26.98 -20.59 -8.08
C GLN B 242 -26.43 -21.42 -9.25
N ASP B 243 -25.51 -22.32 -8.92
CA ASP B 243 -24.85 -23.21 -9.88
C ASP B 243 -24.26 -22.45 -11.07
N ILE B 244 -23.32 -21.56 -10.77
CA ILE B 244 -22.61 -20.77 -11.76
C ILE B 244 -21.15 -20.67 -11.29
N PRO B 245 -20.21 -20.38 -12.21
CA PRO B 245 -18.78 -20.25 -11.92
C PRO B 245 -18.45 -19.07 -11.01
N ALA B 246 -17.68 -19.32 -9.96
CA ALA B 246 -17.30 -18.25 -9.03
C ALA B 246 -16.72 -17.04 -9.77
N ALA B 247 -16.15 -17.30 -10.93
CA ALA B 247 -15.54 -16.25 -11.73
C ALA B 247 -16.57 -15.23 -12.21
N GLU B 248 -17.76 -15.70 -12.56
CA GLU B 248 -18.80 -14.82 -13.07
C GLU B 248 -19.18 -13.76 -12.04
N LEU B 249 -18.82 -13.99 -10.78
CA LEU B 249 -19.12 -13.04 -9.72
C LEU B 249 -17.86 -12.34 -9.21
N LEU B 250 -16.80 -13.10 -9.04
CA LEU B 250 -15.53 -12.56 -8.54
C LEU B 250 -14.82 -11.62 -9.52
N ASP B 251 -14.72 -12.05 -10.77
CA ASP B 251 -14.03 -11.29 -11.81
C ASP B 251 -14.40 -9.80 -11.94
N PRO B 252 -15.70 -9.48 -11.93
CA PRO B 252 -16.08 -8.07 -12.06
C PRO B 252 -15.58 -7.14 -10.97
N LEU B 253 -15.21 -7.71 -9.82
CA LEU B 253 -14.73 -6.92 -8.69
C LEU B 253 -13.31 -6.43 -8.87
N LEU B 254 -12.63 -6.93 -9.90
CA LEU B 254 -11.25 -6.57 -10.17
C LEU B 254 -11.05 -5.34 -11.03
N MET B 255 -9.98 -4.61 -10.72
CA MET B 255 -9.60 -3.41 -11.47
C MET B 255 -8.70 -3.92 -12.60
N PRO B 256 -8.60 -3.17 -13.71
CA PRO B 256 -7.76 -3.59 -14.85
C PRO B 256 -6.30 -3.82 -14.42
N MET B 257 -5.59 -4.74 -15.06
CA MET B 257 -4.22 -5.03 -14.68
C MET B 257 -3.22 -3.88 -14.83
N ASP B 258 -3.52 -2.92 -15.70
CA ASP B 258 -2.62 -1.80 -15.86
C ASP B 258 -2.88 -0.67 -14.86
N SER B 259 -3.96 -0.77 -14.10
CA SER B 259 -4.29 0.27 -13.13
C SER B 259 -3.13 0.71 -12.25
N PRO B 260 -2.20 -0.19 -11.90
CA PRO B 260 -1.08 0.25 -11.07
C PRO B 260 -0.21 1.31 -11.74
N ALA B 261 -0.27 1.39 -13.07
CA ALA B 261 0.53 2.36 -13.80
C ALA B 261 -0.31 3.48 -14.38
N SER B 262 -1.58 3.53 -13.98
CA SER B 262 -2.51 4.54 -14.49
C SER B 262 -1.92 5.94 -14.36
N ASP B 263 -0.99 6.11 -13.43
CA ASP B 263 -0.35 7.41 -13.21
C ASP B 263 0.56 7.83 -14.35
N TYR B 264 0.62 7.02 -15.42
CA TYR B 264 1.49 7.33 -16.55
C TYR B 264 0.76 7.54 -17.86
N PRO B 265 1.42 8.24 -18.81
CA PRO B 265 0.87 8.54 -20.14
C PRO B 265 0.77 7.28 -20.96
N VAL B 266 -0.36 7.10 -21.62
CA VAL B 266 -0.55 5.93 -22.46
C VAL B 266 -0.05 6.21 -23.88
N VAL B 267 0.23 5.14 -24.62
CA VAL B 267 0.70 5.25 -25.98
C VAL B 267 0.23 4.00 -26.72
N ASN B 268 -0.34 4.22 -27.89
CA ASN B 268 -0.83 3.12 -28.70
C ASN B 268 0.04 2.93 -29.94
N LEU B 269 0.21 1.68 -30.33
CA LEU B 269 1.02 1.33 -31.49
C LEU B 269 0.15 0.54 -32.46
N PRO B 270 0.38 0.71 -33.77
CA PRO B 270 -0.42 -0.04 -34.73
C PRO B 270 0.13 -1.46 -34.73
N LEU B 271 -0.76 -2.43 -34.92
CA LEU B 271 -0.37 -3.85 -34.95
C LEU B 271 0.99 -4.07 -35.63
N THR B 272 1.30 -3.22 -36.60
CA THR B 272 2.56 -3.31 -37.36
C THR B 272 3.77 -2.90 -36.54
N SER B 273 3.63 -1.87 -35.72
CA SER B 273 4.74 -1.39 -34.90
C SER B 273 4.95 -2.17 -33.60
N SER B 274 3.92 -2.87 -33.15
CA SER B 274 3.99 -3.61 -31.89
C SER B 274 4.60 -5.01 -31.99
N VAL B 275 4.56 -5.61 -33.18
CA VAL B 275 5.12 -6.93 -33.33
C VAL B 275 6.64 -6.88 -33.12
N TYR B 276 7.22 -5.69 -33.36
CA TYR B 276 8.64 -5.49 -33.16
C TYR B 276 8.87 -5.25 -31.68
N PHE B 277 8.03 -4.40 -31.12
CA PHE B 277 8.09 -4.02 -29.72
C PHE B 277 8.11 -5.27 -28.85
N LYS B 278 7.23 -6.21 -29.20
CA LYS B 278 7.11 -7.46 -28.46
C LYS B 278 8.32 -8.38 -28.55
N ASN B 279 9.28 -8.03 -29.41
CA ASN B 279 10.50 -8.83 -29.54
C ASN B 279 11.66 -8.08 -28.89
N GLY B 280 11.31 -7.11 -28.05
CA GLY B 280 12.32 -6.35 -27.35
C GLY B 280 12.90 -5.23 -28.19
N ASN B 281 12.24 -4.90 -29.29
CA ASN B 281 12.71 -3.86 -30.20
C ASN B 281 12.14 -2.46 -29.97
N PRO B 282 13.01 -1.48 -29.64
CA PRO B 282 12.53 -0.12 -29.43
C PRO B 282 11.90 0.37 -30.73
N VAL B 283 10.77 1.07 -30.65
CA VAL B 283 10.10 1.55 -31.85
C VAL B 283 9.72 3.02 -31.76
N ARG B 284 9.35 3.61 -32.90
CA ARG B 284 8.98 5.02 -32.95
C ARG B 284 7.48 5.18 -33.15
N THR B 285 6.91 6.20 -32.51
CA THR B 285 5.49 6.48 -32.62
C THR B 285 5.23 7.98 -32.56
N SER B 286 3.98 8.36 -32.81
CA SER B 286 3.56 9.77 -32.82
C SER B 286 3.54 10.42 -31.43
N GLY B 287 2.40 10.30 -30.75
CA GLY B 287 2.25 10.91 -29.44
C GLY B 287 3.08 10.20 -28.38
N ALA B 288 4.40 10.27 -28.54
CA ALA B 288 5.30 9.64 -27.61
C ALA B 288 6.01 10.66 -26.72
N PRO B 289 5.77 10.60 -25.40
CA PRO B 289 6.40 11.53 -24.45
C PRO B 289 7.91 11.68 -24.69
N LEU B 290 8.46 12.83 -24.33
CA LEU B 290 9.88 13.08 -24.52
C LEU B 290 10.75 12.29 -23.55
N GLU B 291 10.13 11.72 -22.52
CA GLU B 291 10.89 10.94 -21.54
C GLU B 291 9.97 10.24 -20.54
N GLY B 292 10.57 9.39 -19.70
CA GLY B 292 9.83 8.68 -18.68
C GLY B 292 9.14 7.39 -19.10
N LEU B 293 8.42 6.77 -18.15
CA LEU B 293 7.71 5.53 -18.43
C LEU B 293 6.39 5.83 -19.12
N VAL B 294 5.80 4.79 -19.70
CA VAL B 294 4.52 4.89 -20.38
C VAL B 294 3.89 3.52 -20.53
N ARG B 295 2.58 3.50 -20.70
CA ARG B 295 1.87 2.24 -20.88
C ARG B 295 1.76 2.09 -22.38
N VAL B 296 1.86 0.86 -22.87
CA VAL B 296 1.80 0.63 -24.29
C VAL B 296 0.57 -0.17 -24.67
N THR B 297 -0.14 0.28 -25.69
CA THR B 297 -1.35 -0.41 -26.14
C THR B 297 -1.29 -0.75 -27.63
N GLU B 298 -2.12 -1.70 -28.06
CA GLU B 298 -2.13 -2.10 -29.46
C GLU B 298 -3.34 -1.66 -30.27
N GLY B 299 -3.06 -1.22 -31.49
CA GLY B 299 -4.07 -0.77 -32.43
C GLY B 299 -5.47 -0.45 -31.96
N GLU B 300 -6.46 -1.12 -32.57
CA GLU B 300 -7.87 -0.92 -32.27
C GLU B 300 -8.29 -0.85 -30.82
N ASN B 301 -8.62 -2.00 -30.25
CA ASN B 301 -9.06 -2.10 -28.86
C ASN B 301 -8.26 -1.23 -27.89
N GLY B 302 -7.05 -0.84 -28.29
CA GLY B 302 -6.22 -0.05 -27.40
C GLY B 302 -5.73 -1.00 -26.32
N LYS B 303 -5.71 -2.29 -26.66
CA LYS B 303 -5.28 -3.33 -25.75
C LYS B 303 -3.89 -3.09 -25.14
N PHE B 304 -3.83 -3.24 -23.83
CA PHE B 304 -2.61 -3.06 -23.06
C PHE B 304 -1.66 -4.24 -23.29
N ILE B 305 -0.39 -3.95 -23.53
CA ILE B 305 0.59 -5.02 -23.72
C ILE B 305 1.83 -4.82 -22.87
N GLY B 306 1.79 -3.83 -21.96
CA GLY B 306 2.94 -3.62 -21.10
C GLY B 306 3.57 -2.23 -21.02
N MET B 307 4.55 -2.11 -20.13
CA MET B 307 5.29 -0.88 -19.87
C MET B 307 6.49 -0.61 -20.77
N GLY B 308 6.59 0.62 -21.25
CA GLY B 308 7.70 1.02 -22.09
C GLY B 308 8.44 2.18 -21.45
N GLU B 309 9.45 2.70 -22.13
CA GLU B 309 10.22 3.82 -21.60
C GLU B 309 10.95 4.48 -22.76
N ILE B 310 10.91 5.80 -22.81
CA ILE B 310 11.56 6.53 -23.90
C ILE B 310 13.06 6.61 -23.73
N ASP B 311 13.81 6.01 -24.67
CA ASP B 311 15.27 6.04 -24.59
C ASP B 311 15.91 7.25 -25.28
N ASP B 312 17.23 7.33 -25.20
CA ASP B 312 17.99 8.42 -25.79
C ASP B 312 17.56 8.79 -27.21
N GLU B 313 17.33 7.77 -28.03
CA GLU B 313 16.93 8.00 -29.43
C GLU B 313 15.49 8.50 -29.58
N GLY B 314 14.76 8.60 -28.46
CA GLY B 314 13.39 9.05 -28.51
C GLY B 314 12.40 7.97 -28.85
N ARG B 315 12.89 6.76 -29.10
CA ARG B 315 12.03 5.64 -29.44
C ARG B 315 11.41 5.10 -28.14
N VAL B 316 10.37 4.29 -28.29
CA VAL B 316 9.69 3.68 -27.14
C VAL B 316 10.25 2.29 -26.93
N ALA B 317 11.08 2.14 -25.92
CA ALA B 317 11.72 0.87 -25.59
C ALA B 317 10.90 0.05 -24.59
N PRO B 318 10.66 -1.23 -24.88
CA PRO B 318 9.90 -2.07 -23.96
C PRO B 318 10.69 -2.27 -22.68
N ARG B 319 9.99 -2.33 -21.54
CA ARG B 319 10.65 -2.54 -20.26
C ARG B 319 10.10 -3.75 -19.54
N ARG B 320 8.78 -3.93 -19.60
CA ARG B 320 8.12 -5.07 -18.96
C ARG B 320 6.84 -5.33 -19.74
N LEU B 321 6.70 -6.55 -20.29
CA LEU B 321 5.53 -6.87 -21.07
C LEU B 321 4.62 -7.95 -20.49
N VAL B 322 3.39 -7.96 -20.99
CA VAL B 322 2.37 -8.92 -20.59
C VAL B 322 2.53 -10.11 -21.54
N VAL B 323 2.44 -11.33 -21.02
CA VAL B 323 2.56 -12.50 -21.87
C VAL B 323 1.31 -12.58 -22.76
S SO4 C . -8.10 -21.02 3.81
O1 SO4 C . -9.21 -20.04 3.96
O2 SO4 C . -8.24 -21.72 2.52
O3 SO4 C . -6.83 -20.28 3.86
O4 SO4 C . -8.15 -21.99 4.91
S SO4 D . -11.47 -16.68 6.85
O1 SO4 D . -12.30 -15.80 6.00
O2 SO4 D . -10.80 -17.69 5.99
O3 SO4 D . -10.45 -15.89 7.57
O4 SO4 D . -12.33 -17.37 7.83
S SO4 E . 2.58 5.86 -35.97
O1 SO4 E . 2.92 4.61 -36.70
O2 SO4 E . 2.56 5.58 -34.52
O3 SO4 E . 3.60 6.88 -36.27
O4 SO4 E . 1.25 6.33 -36.40
#